data_3REY
#
_entry.id   3REY
#
_cell.length_a   111.865
_cell.length_b   113.061
_cell.length_c   126.802
_cell.angle_alpha   90.00
_cell.angle_beta   90.00
_cell.angle_gamma   90.00
#
_symmetry.space_group_name_H-M   'I 2 2 2'
#
loop_
_entity.id
_entity.type
_entity.pdbx_description
1 polymer 'Adenosine receptor A2a'
2 non-polymer N-(2-aminoethyl)-2-[4-(2,6-dioxo-1,3-dipropyl-2,3,6,7-tetrahydro-1H-purin-8-yl)phenoxy]acetamide
#
_entity_poly.entity_id   1
_entity_poly.type   'polypeptide(L)'
_entity_poly.pdbx_seq_one_letter_code
;MPIMGSSVYITVELAIAVLAILGNVLVCWAVWLNSNLQNVTNYFVVSLAAADILVGVLAIPFAITISTGFCAACHGCLFI
ACFVLVLAQSSIFSLLAIAIDRYIAIAIPLRYNGLVTGTRAAGIIAICWVLSFAIGLTPMLGWNNCGQPKEGKNHSQGCG
EGQVACLFEDVVPMNYMVYFNFFACVLVPLLLMLGVYLRIFAAARRQLKQMESQPLPGERARSTLQKEVHAAKSAAIIAG
LFALCWLPLHIINCFTFFCPDCSHAPLWLMYLAIVLAHTNSVVNPFIYAYRIREFRQTFRKIIRSHVLRQQEPFKAAAAH
HHHHHHHHH
;
_entity_poly.pdbx_strand_id   A
#
loop_
_chem_comp.id
_chem_comp.type
_chem_comp.name
_chem_comp.formula
XAC non-polymer N-(2-aminoethyl)-2-[4-(2,6-dioxo-1,3-dipropyl-2,3,6,7-tetrahydro-1H-purin-8-yl)phenoxy]acetamide 'C21 H28 N6 O4'
#
# COMPACT_ATOMS: atom_id res chain seq x y z
N SER A 7 -21.43 13.61 -12.62
CA SER A 7 -20.45 12.83 -13.36
C SER A 7 -19.04 13.38 -13.14
N VAL A 8 -18.88 14.16 -12.08
CA VAL A 8 -17.57 14.72 -11.73
C VAL A 8 -16.73 13.68 -10.99
N TYR A 9 -17.34 13.03 -10.00
CA TYR A 9 -16.66 11.98 -9.25
C TYR A 9 -16.21 10.87 -10.18
N ILE A 10 -17.03 10.58 -11.18
CA ILE A 10 -16.68 9.58 -12.18
C ILE A 10 -15.43 10.02 -12.96
N THR A 11 -15.44 11.26 -13.40
CA THR A 11 -14.30 11.81 -14.14
C THR A 11 -13.03 11.78 -13.31
N VAL A 12 -13.13 12.21 -12.06
CA VAL A 12 -11.99 12.24 -11.16
C VAL A 12 -11.44 10.84 -10.93
N GLU A 13 -12.33 9.88 -10.71
CA GLU A 13 -11.93 8.49 -10.51
C GLU A 13 -11.26 7.91 -11.76
N LEU A 14 -11.70 8.37 -12.92
CA LEU A 14 -11.11 7.93 -14.18
C LEU A 14 -9.72 8.53 -14.38
N ALA A 15 -9.54 9.77 -13.93
CA ALA A 15 -8.26 10.45 -14.03
C ALA A 15 -7.20 9.74 -13.20
N ILE A 16 -7.58 9.36 -11.97
CA ILE A 16 -6.68 8.64 -11.09
C ILE A 16 -6.34 7.26 -11.65
N ALA A 17 -7.33 6.64 -12.30
CA ALA A 17 -7.13 5.32 -12.89
C ALA A 17 -6.00 5.32 -13.92
N VAL A 18 -5.94 6.38 -14.72
CA VAL A 18 -4.92 6.52 -15.73
C VAL A 18 -3.54 6.72 -15.10
N LEU A 19 -3.45 7.69 -14.19
CA LEU A 19 -2.20 7.99 -13.51
C LEU A 19 -1.68 6.80 -12.72
N ALA A 20 -2.58 6.06 -12.10
CA ALA A 20 -2.22 4.89 -11.30
C ALA A 20 -1.61 3.80 -12.17
N ILE A 21 -2.08 3.70 -13.41
CA ILE A 21 -1.54 2.72 -14.35
C ILE A 21 -0.21 3.21 -14.91
N LEU A 22 -0.25 4.30 -15.66
CA LEU A 22 0.96 4.87 -16.27
C LEU A 22 2.09 4.97 -15.25
N GLY A 23 1.78 5.50 -14.07
CA GLY A 23 2.76 5.68 -13.03
C GLY A 23 3.48 4.42 -12.64
N ASN A 24 2.74 3.46 -12.08
CA ASN A 24 3.33 2.21 -11.59
C ASN A 24 3.81 1.28 -12.69
N VAL A 25 3.19 1.38 -13.87
CA VAL A 25 3.65 0.60 -15.02
C VAL A 25 5.02 1.10 -15.45
N LEU A 26 5.20 2.42 -15.40
CA LEU A 26 6.48 3.04 -15.73
C LEU A 26 7.56 2.57 -14.76
N VAL A 27 7.17 2.39 -13.50
CA VAL A 27 8.08 1.93 -12.46
C VAL A 27 8.49 0.47 -12.70
N CYS A 28 7.52 -0.35 -13.08
CA CYS A 28 7.77 -1.77 -13.36
C CYS A 28 8.68 -1.94 -14.58
N TRP A 29 8.66 -0.95 -15.45
CA TRP A 29 9.47 -0.99 -16.67
C TRP A 29 10.92 -0.61 -16.38
N ALA A 30 11.11 0.43 -15.57
CA ALA A 30 12.45 0.90 -15.21
C ALA A 30 13.22 -0.15 -14.42
N VAL A 31 12.49 -0.95 -13.64
CA VAL A 31 13.10 -2.04 -12.88
C VAL A 31 13.55 -3.15 -13.81
N TRP A 32 12.92 -3.22 -14.98
CA TRP A 32 13.25 -4.25 -15.96
C TRP A 32 14.44 -3.84 -16.83
N LEU A 33 14.41 -2.59 -17.30
CA LEU A 33 15.49 -2.07 -18.12
C LEU A 33 16.78 -1.91 -17.33
N ASN A 34 16.78 -0.97 -16.38
CA ASN A 34 17.95 -0.67 -15.57
C ASN A 34 18.20 -1.74 -14.50
N SER A 35 19.30 -2.47 -14.66
CA SER A 35 19.64 -3.54 -13.72
C SER A 35 20.25 -3.01 -12.42
N ASN A 36 20.36 -1.70 -12.33
CA ASN A 36 20.87 -1.06 -11.13
C ASN A 36 19.75 -0.81 -10.12
N LEU A 37 18.55 -1.24 -10.48
CA LEU A 37 17.38 -1.08 -9.61
C LEU A 37 16.80 -2.45 -9.27
N GLN A 38 17.45 -3.51 -9.74
CA GLN A 38 16.95 -4.86 -9.55
C GLN A 38 17.47 -5.51 -8.27
N ASN A 39 17.67 -4.69 -7.24
CA ASN A 39 18.10 -5.20 -5.94
C ASN A 39 16.95 -5.81 -5.15
N VAL A 40 17.27 -6.61 -4.16
CA VAL A 40 16.25 -7.31 -3.37
C VAL A 40 15.23 -6.34 -2.78
N THR A 41 15.67 -5.11 -2.51
CA THR A 41 14.80 -4.09 -1.96
C THR A 41 13.64 -3.77 -2.90
N ASN A 42 13.97 -3.51 -4.16
CA ASN A 42 12.96 -3.12 -5.14
C ASN A 42 12.09 -4.27 -5.64
N TYR A 43 12.36 -5.48 -5.15
CA TYR A 43 11.51 -6.62 -5.46
C TYR A 43 10.13 -6.43 -4.84
N PHE A 44 10.12 -5.90 -3.62
CA PHE A 44 8.88 -5.59 -2.92
C PHE A 44 8.21 -4.38 -3.55
N VAL A 45 9.01 -3.41 -3.96
CA VAL A 45 8.50 -2.21 -4.62
C VAL A 45 7.67 -2.58 -5.84
N VAL A 46 8.11 -3.61 -6.56
CA VAL A 46 7.37 -4.09 -7.72
C VAL A 46 6.01 -4.63 -7.30
N SER A 47 5.97 -5.35 -6.18
CA SER A 47 4.73 -5.85 -5.63
C SER A 47 3.81 -4.69 -5.28
N LEU A 48 4.38 -3.64 -4.73
CA LEU A 48 3.64 -2.42 -4.41
C LEU A 48 3.13 -1.77 -5.70
N ALA A 49 3.92 -1.86 -6.76
CA ALA A 49 3.54 -1.30 -8.04
C ALA A 49 2.40 -2.09 -8.67
N ALA A 50 2.60 -3.40 -8.82
CA ALA A 50 1.58 -4.27 -9.38
C ALA A 50 0.26 -4.12 -8.64
N ALA A 51 0.33 -4.09 -7.32
CA ALA A 51 -0.86 -3.91 -6.49
C ALA A 51 -1.54 -2.60 -6.82
N ASP A 52 -0.76 -1.52 -6.86
CA ASP A 52 -1.30 -0.20 -7.13
C ASP A 52 -1.61 0.01 -8.61
N ILE A 53 -1.35 -1.00 -9.43
CA ILE A 53 -1.74 -0.96 -10.83
C ILE A 53 -3.15 -1.52 -10.97
N LEU A 54 -3.39 -2.65 -10.31
CA LEU A 54 -4.71 -3.27 -10.31
C LEU A 54 -5.75 -2.34 -9.70
N VAL A 55 -5.27 -1.32 -8.98
CA VAL A 55 -6.17 -0.31 -8.42
C VAL A 55 -6.82 0.48 -9.55
N GLY A 56 -6.01 0.99 -10.47
CA GLY A 56 -6.51 1.74 -11.60
C GLY A 56 -7.02 0.83 -12.70
N VAL A 57 -6.91 -0.48 -12.50
CA VAL A 57 -7.32 -1.45 -13.49
C VAL A 57 -8.61 -2.17 -13.10
N LEU A 58 -8.75 -2.48 -11.81
CA LEU A 58 -9.92 -3.21 -11.32
C LEU A 58 -10.57 -2.53 -10.12
N ALA A 59 -9.77 -2.21 -9.11
CA ALA A 59 -10.30 -1.61 -7.88
C ALA A 59 -11.17 -0.39 -8.17
N ILE A 60 -10.63 0.59 -8.88
CA ILE A 60 -11.38 1.79 -9.23
C ILE A 60 -12.58 1.50 -10.14
N PRO A 61 -12.36 0.71 -11.20
CA PRO A 61 -13.50 0.32 -12.05
C PRO A 61 -14.61 -0.37 -11.26
N PHE A 62 -14.22 -1.11 -10.21
CA PHE A 62 -15.19 -1.78 -9.36
C PHE A 62 -15.87 -0.79 -8.41
N ALA A 63 -15.09 0.11 -7.82
CA ALA A 63 -15.60 1.09 -6.87
C ALA A 63 -16.61 2.02 -7.52
N ILE A 64 -16.42 2.32 -8.81
CA ILE A 64 -17.33 3.19 -9.54
C ILE A 64 -18.61 2.45 -9.90
N THR A 65 -18.52 1.13 -10.02
CA THR A 65 -19.68 0.30 -10.35
C THR A 65 -20.51 -0.01 -9.12
N ILE A 66 -19.84 -0.26 -8.00
CA ILE A 66 -20.51 -0.60 -6.76
C ILE A 66 -21.09 0.63 -6.06
N SER A 67 -20.59 1.81 -6.43
CA SER A 67 -21.08 3.05 -5.85
C SER A 67 -22.55 3.26 -6.20
N THR A 68 -22.91 2.96 -7.45
CA THR A 68 -24.28 3.08 -7.90
C THR A 68 -25.07 1.82 -7.55
N GLY A 69 -24.36 0.74 -7.25
CA GLY A 69 -24.97 -0.53 -6.89
C GLY A 69 -25.49 -1.28 -8.10
N PHE A 70 -25.36 -2.61 -8.07
CA PHE A 70 -25.84 -3.46 -9.15
C PHE A 70 -26.39 -4.77 -8.60
N CYS A 71 -26.84 -5.64 -9.50
CA CYS A 71 -27.42 -6.92 -9.09
C CYS A 71 -26.54 -8.10 -9.50
N ALA A 72 -26.13 -8.89 -8.51
CA ALA A 72 -25.31 -10.07 -8.76
C ALA A 72 -25.27 -10.97 -7.53
N ALA A 73 -24.83 -12.20 -7.72
CA ALA A 73 -24.74 -13.17 -6.62
C ALA A 73 -23.87 -12.63 -5.49
N CYS A 74 -23.84 -13.34 -4.37
CA CYS A 74 -23.06 -12.92 -3.21
C CYS A 74 -21.56 -13.03 -3.48
N HIS A 75 -21.17 -14.09 -4.18
CA HIS A 75 -19.78 -14.29 -4.55
C HIS A 75 -19.27 -13.18 -5.46
N GLY A 76 -20.00 -12.94 -6.54
CA GLY A 76 -19.63 -11.92 -7.51
C GLY A 76 -19.71 -10.51 -6.93
N CYS A 77 -20.59 -10.32 -5.96
CA CYS A 77 -20.78 -9.01 -5.35
C CYS A 77 -19.69 -8.70 -4.33
N LEU A 78 -19.36 -9.70 -3.52
CA LEU A 78 -18.34 -9.53 -2.48
C LEU A 78 -16.95 -9.31 -3.07
N PHE A 79 -16.64 -10.03 -4.15
CA PHE A 79 -15.35 -9.88 -4.81
C PHE A 79 -15.17 -8.44 -5.28
N ILE A 80 -16.19 -7.91 -5.94
CA ILE A 80 -16.16 -6.54 -6.44
C ILE A 80 -16.14 -5.53 -5.30
N ALA A 81 -16.53 -5.98 -4.12
CA ALA A 81 -16.58 -5.11 -2.95
C ALA A 81 -15.32 -5.22 -2.09
N CYS A 82 -14.71 -6.40 -2.09
CA CYS A 82 -13.57 -6.66 -1.22
C CYS A 82 -12.26 -6.83 -1.99
N PHE A 83 -12.29 -6.53 -3.28
CA PHE A 83 -11.09 -6.61 -4.11
C PHE A 83 -10.09 -5.52 -3.72
N VAL A 84 -10.62 -4.35 -3.38
CA VAL A 84 -9.78 -3.23 -2.98
C VAL A 84 -9.11 -3.53 -1.64
N LEU A 85 -9.74 -4.40 -0.86
CA LEU A 85 -9.20 -4.79 0.43
C LEU A 85 -8.00 -5.71 0.26
N VAL A 86 -7.85 -6.25 -0.95
CA VAL A 86 -6.72 -7.12 -1.28
C VAL A 86 -5.51 -6.27 -1.66
N LEU A 87 -5.72 -5.31 -2.55
CA LEU A 87 -4.65 -4.41 -3.00
C LEU A 87 -4.19 -3.50 -1.87
N ALA A 88 -5.05 -3.33 -0.87
CA ALA A 88 -4.73 -2.50 0.28
C ALA A 88 -3.92 -3.30 1.30
N GLN A 89 -4.23 -4.58 1.42
CA GLN A 89 -3.55 -5.45 2.37
C GLN A 89 -2.17 -5.84 1.86
N SER A 90 -2.06 -6.09 0.57
CA SER A 90 -0.78 -6.43 -0.04
C SER A 90 0.20 -5.29 0.13
N SER A 91 -0.26 -4.06 -0.14
CA SER A 91 0.57 -2.88 0.01
C SER A 91 1.05 -2.72 1.44
N ILE A 92 0.33 -3.32 2.39
CA ILE A 92 0.72 -3.29 3.79
C ILE A 92 1.96 -4.15 4.02
N PHE A 93 1.96 -5.34 3.43
CA PHE A 93 3.10 -6.24 3.55
C PHE A 93 4.31 -5.70 2.80
N SER A 94 4.08 -5.19 1.60
CA SER A 94 5.15 -4.60 0.80
C SER A 94 5.81 -3.45 1.55
N LEU A 95 4.98 -2.54 2.08
CA LEU A 95 5.48 -1.39 2.82
C LEU A 95 6.15 -1.81 4.13
N LEU A 96 5.67 -2.91 4.71
CA LEU A 96 6.23 -3.43 5.95
C LEU A 96 7.59 -4.06 5.70
N ALA A 97 7.67 -4.89 4.66
CA ALA A 97 8.92 -5.54 4.29
C ALA A 97 9.98 -4.50 3.98
N ILE A 98 9.63 -3.53 3.13
CA ILE A 98 10.55 -2.46 2.78
C ILE A 98 11.10 -1.77 4.03
N ALA A 99 10.25 -1.64 5.04
CA ALA A 99 10.66 -1.05 6.31
C ALA A 99 11.69 -1.93 7.00
N ILE A 100 11.34 -3.21 7.17
CA ILE A 100 12.25 -4.18 7.78
C ILE A 100 13.55 -4.25 7.00
N ASP A 101 13.43 -4.37 5.69
CA ASP A 101 14.59 -4.44 4.80
C ASP A 101 15.56 -3.28 5.04
N ARG A 102 15.06 -2.06 4.93
CA ARG A 102 15.87 -0.87 5.13
C ARG A 102 16.51 -0.85 6.52
N TYR A 103 15.85 -1.50 7.47
CA TYR A 103 16.40 -1.60 8.83
C TYR A 103 17.55 -2.59 8.86
N ILE A 104 17.38 -3.71 8.17
CA ILE A 104 18.41 -4.75 8.12
C ILE A 104 19.71 -4.22 7.54
N ALA A 105 19.59 -3.40 6.49
CA ALA A 105 20.76 -2.83 5.83
C ALA A 105 21.59 -1.95 6.77
N ILE A 106 20.90 -1.08 7.49
CA ILE A 106 21.56 -0.16 8.41
C ILE A 106 22.02 -0.86 9.69
N ALA A 107 21.14 -1.66 10.26
CA ALA A 107 21.44 -2.38 11.49
C ALA A 107 22.56 -3.41 11.29
N ILE A 108 22.32 -4.36 10.39
CA ILE A 108 23.30 -5.40 10.11
C ILE A 108 23.61 -5.47 8.62
N PRO A 109 24.53 -4.60 8.15
CA PRO A 109 24.91 -4.53 6.73
C PRO A 109 25.56 -5.80 6.23
N LEU A 110 26.29 -6.51 7.09
CA LEU A 110 26.98 -7.72 6.70
C LEU A 110 26.01 -8.85 6.39
N ARG A 111 25.12 -9.15 7.34
CA ARG A 111 24.14 -10.21 7.17
C ARG A 111 23.03 -9.81 6.21
N TYR A 112 23.08 -8.57 5.74
CA TYR A 112 22.08 -8.05 4.81
C TYR A 112 22.06 -8.85 3.50
N ASN A 113 23.25 -9.02 2.92
CA ASN A 113 23.37 -9.76 1.66
C ASN A 113 23.15 -11.26 1.85
N GLY A 114 23.29 -11.71 3.09
CA GLY A 114 23.12 -13.13 3.41
C GLY A 114 21.68 -13.50 3.70
N LEU A 115 20.95 -12.59 4.33
CA LEU A 115 19.55 -12.82 4.67
C LEU A 115 18.63 -12.27 3.59
N VAL A 116 18.75 -10.97 3.33
CA VAL A 116 17.95 -10.32 2.30
C VAL A 116 18.38 -10.78 0.92
N THR A 117 17.81 -11.89 0.46
CA THR A 117 18.17 -12.47 -0.83
C THR A 117 17.07 -12.26 -1.87
N GLY A 118 17.46 -12.27 -3.14
CA GLY A 118 16.51 -12.10 -4.22
C GLY A 118 15.58 -13.28 -4.37
N THR A 119 15.84 -14.33 -3.59
CA THR A 119 15.00 -15.53 -3.60
C THR A 119 13.96 -15.47 -2.49
N ARG A 120 14.41 -15.18 -1.28
CA ARG A 120 13.50 -15.06 -0.14
C ARG A 120 12.51 -13.93 -0.36
N ALA A 121 12.94 -12.88 -1.07
CA ALA A 121 12.08 -11.76 -1.38
C ALA A 121 10.86 -12.21 -2.18
N ALA A 122 11.12 -12.87 -3.31
CA ALA A 122 10.04 -13.39 -4.15
C ALA A 122 9.19 -14.40 -3.40
N GLY A 123 9.78 -15.03 -2.39
CA GLY A 123 9.08 -16.00 -1.58
C GLY A 123 8.11 -15.36 -0.61
N ILE A 124 8.58 -14.33 0.09
CA ILE A 124 7.74 -13.62 1.05
C ILE A 124 6.60 -12.90 0.33
N ILE A 125 6.92 -12.25 -0.78
CA ILE A 125 5.92 -11.53 -1.57
C ILE A 125 4.75 -12.43 -1.93
N ALA A 126 5.06 -13.62 -2.45
CA ALA A 126 4.03 -14.59 -2.82
C ALA A 126 3.16 -14.92 -1.61
N ILE A 127 3.79 -15.19 -0.48
CA ILE A 127 3.08 -15.49 0.76
C ILE A 127 2.19 -14.31 1.16
N CYS A 128 2.75 -13.12 1.07
CA CYS A 128 2.02 -11.90 1.41
C CYS A 128 0.75 -11.77 0.58
N TRP A 129 0.86 -12.03 -0.72
CA TRP A 129 -0.30 -11.97 -1.61
C TRP A 129 -1.35 -13.01 -1.25
N VAL A 130 -0.90 -14.23 -0.94
CA VAL A 130 -1.80 -15.29 -0.55
C VAL A 130 -2.56 -14.92 0.72
N LEU A 131 -1.85 -14.35 1.68
CA LEU A 131 -2.47 -13.90 2.93
C LEU A 131 -3.36 -12.69 2.69
N SER A 132 -3.04 -11.92 1.65
CA SER A 132 -3.82 -10.73 1.30
C SER A 132 -5.19 -11.10 0.76
N PHE A 133 -5.27 -12.23 0.05
CA PHE A 133 -6.53 -12.71 -0.48
C PHE A 133 -7.35 -13.43 0.57
N ALA A 134 -6.68 -14.13 1.47
CA ALA A 134 -7.34 -14.83 2.56
C ALA A 134 -8.00 -13.83 3.50
N ILE A 135 -7.27 -12.76 3.81
CA ILE A 135 -7.77 -11.71 4.70
C ILE A 135 -8.72 -10.77 3.98
N GLY A 136 -8.26 -10.21 2.87
CA GLY A 136 -9.05 -9.26 2.09
C GLY A 136 -10.36 -9.81 1.60
N LEU A 137 -10.44 -11.14 1.48
CA LEU A 137 -11.68 -11.77 1.03
C LEU A 137 -12.27 -12.68 2.11
N THR A 138 -12.05 -12.30 3.37
CA THR A 138 -12.64 -13.03 4.50
C THR A 138 -14.17 -12.91 4.52
N PRO A 139 -14.70 -11.72 4.18
CA PRO A 139 -16.16 -11.58 4.08
C PRO A 139 -16.77 -12.60 3.11
N MET A 140 -16.00 -13.02 2.11
CA MET A 140 -16.48 -14.01 1.15
C MET A 140 -16.50 -15.41 1.77
N LEU A 141 -15.77 -15.57 2.87
CA LEU A 141 -15.72 -16.85 3.56
C LEU A 141 -16.98 -17.08 4.39
N GLY A 142 -17.57 -15.99 4.89
CA GLY A 142 -18.80 -16.07 5.65
C GLY A 142 -19.12 -14.82 6.45
N TRP A 143 -18.13 -13.96 6.61
CA TRP A 143 -18.28 -12.74 7.39
C TRP A 143 -18.94 -11.64 6.55
N ASN A 144 -20.20 -11.84 6.20
CA ASN A 144 -20.93 -10.89 5.37
C ASN A 144 -22.36 -10.64 5.82
N ASN A 145 -22.99 -9.62 5.24
CA ASN A 145 -24.37 -9.29 5.57
C ASN A 145 -25.32 -9.56 4.40
N CYS A 146 -25.10 -10.67 3.70
CA CYS A 146 -25.93 -11.04 2.56
C CYS A 146 -27.31 -11.49 3.00
N GLY A 147 -28.31 -10.63 2.78
CA GLY A 147 -29.69 -10.97 3.09
C GLY A 147 -30.10 -10.66 4.51
N GLN A 148 -29.33 -9.81 5.19
CA GLN A 148 -29.66 -9.42 6.55
C GLN A 148 -30.84 -8.45 6.57
N PRO A 149 -31.71 -8.57 7.58
CA PRO A 149 -32.89 -7.73 7.73
C PRO A 149 -32.54 -6.24 7.69
N GLY A 158 -36.90 -5.98 -6.44
CA GLY A 158 -35.60 -5.34 -6.56
C GLY A 158 -34.72 -6.03 -7.58
N CYS A 159 -33.94 -7.01 -7.13
CA CYS A 159 -33.04 -7.75 -7.99
C CYS A 159 -33.53 -9.17 -8.22
N GLY A 160 -34.38 -9.64 -7.31
CA GLY A 160 -34.94 -10.98 -7.42
C GLY A 160 -34.11 -12.03 -6.70
N GLU A 161 -34.68 -13.23 -6.57
CA GLU A 161 -33.98 -14.32 -5.91
C GLU A 161 -32.77 -14.77 -6.70
N GLY A 162 -31.66 -14.97 -6.01
CA GLY A 162 -30.41 -15.35 -6.65
C GLY A 162 -29.47 -14.17 -6.80
N GLN A 163 -30.03 -12.98 -6.85
CA GLN A 163 -29.24 -11.76 -6.96
C GLN A 163 -29.47 -10.84 -5.76
N VAL A 164 -28.38 -10.28 -5.24
CA VAL A 164 -28.45 -9.39 -4.10
C VAL A 164 -28.06 -7.96 -4.49
N ALA A 165 -28.83 -6.98 -4.01
CA ALA A 165 -28.50 -5.58 -4.23
C ALA A 165 -27.09 -5.30 -3.74
N CYS A 166 -26.14 -5.23 -4.67
CA CYS A 166 -24.73 -5.10 -4.33
C CYS A 166 -24.38 -3.70 -3.85
N LEU A 167 -24.89 -3.35 -2.67
CA LEU A 167 -24.56 -2.08 -2.03
C LEU A 167 -23.59 -2.40 -0.90
N PHE A 168 -22.38 -1.85 -0.97
CA PHE A 168 -21.32 -2.26 -0.06
C PHE A 168 -21.73 -2.26 1.41
N GLU A 169 -22.17 -1.11 1.91
CA GLU A 169 -22.54 -0.98 3.32
C GLU A 169 -23.58 -2.02 3.73
N ASP A 170 -24.29 -2.57 2.74
CA ASP A 170 -25.30 -3.58 3.00
C ASP A 170 -24.77 -4.99 2.84
N VAL A 171 -23.76 -5.16 1.98
CA VAL A 171 -23.22 -6.48 1.67
C VAL A 171 -21.95 -6.81 2.46
N VAL A 172 -21.32 -5.79 3.01
CA VAL A 172 -20.10 -5.98 3.80
C VAL A 172 -20.25 -5.38 5.20
N PRO A 173 -20.03 -6.21 6.23
CA PRO A 173 -20.19 -5.82 7.64
C PRO A 173 -19.30 -4.63 8.02
N MET A 174 -19.56 -4.04 9.17
CA MET A 174 -18.75 -2.94 9.67
C MET A 174 -17.83 -3.40 10.80
N ASN A 175 -18.27 -4.40 11.55
CA ASN A 175 -17.44 -5.00 12.59
C ASN A 175 -16.17 -5.59 12.00
N TYR A 176 -16.26 -6.04 10.74
CA TYR A 176 -15.11 -6.57 10.03
C TYR A 176 -14.21 -5.45 9.56
N MET A 177 -14.81 -4.42 8.98
CA MET A 177 -14.05 -3.29 8.44
C MET A 177 -13.35 -2.52 9.55
N VAL A 178 -13.79 -2.71 10.78
CA VAL A 178 -13.24 -1.98 11.92
C VAL A 178 -12.27 -2.82 12.74
N TYR A 179 -12.79 -3.85 13.41
CA TYR A 179 -11.97 -4.68 14.28
C TYR A 179 -10.93 -5.48 13.52
N PHE A 180 -11.39 -6.31 12.59
CA PHE A 180 -10.52 -7.22 11.86
C PHE A 180 -9.64 -6.50 10.84
N ASN A 181 -10.26 -5.71 9.97
CA ASN A 181 -9.55 -5.05 8.89
C ASN A 181 -8.69 -3.88 9.38
N PHE A 182 -9.34 -2.84 9.89
CA PHE A 182 -8.64 -1.63 10.32
C PHE A 182 -7.62 -1.90 11.42
N PHE A 183 -8.09 -2.09 12.64
CA PHE A 183 -7.21 -2.24 13.80
C PHE A 183 -6.12 -3.29 13.61
N ALA A 184 -6.53 -4.51 13.24
CA ALA A 184 -5.60 -5.65 13.20
C ALA A 184 -4.75 -5.71 11.93
N CYS A 185 -5.36 -5.41 10.79
CA CYS A 185 -4.68 -5.58 9.51
C CYS A 185 -4.18 -4.26 8.91
N VAL A 186 -4.32 -3.17 9.65
CA VAL A 186 -3.87 -1.86 9.17
C VAL A 186 -3.23 -1.03 10.27
N LEU A 187 -3.95 -0.83 11.36
CA LEU A 187 -3.45 -0.01 12.46
C LEU A 187 -2.23 -0.66 13.12
N VAL A 188 -2.31 -1.96 13.38
CA VAL A 188 -1.21 -2.70 13.99
C VAL A 188 0.05 -2.69 13.13
N PRO A 189 -0.08 -3.04 11.85
CA PRO A 189 1.10 -2.99 10.96
C PRO A 189 1.73 -1.61 10.95
N LEU A 190 0.92 -0.57 10.72
CA LEU A 190 1.42 0.80 10.68
C LEU A 190 2.03 1.22 12.01
N LEU A 191 1.75 0.46 13.07
CA LEU A 191 2.35 0.72 14.37
C LEU A 191 3.67 -0.02 14.50
N LEU A 192 3.76 -1.17 13.85
CA LEU A 192 5.01 -1.91 13.77
C LEU A 192 5.98 -1.18 12.84
N MET A 193 5.47 -0.76 11.70
CA MET A 193 6.26 -0.01 10.72
C MET A 193 6.86 1.24 11.35
N LEU A 194 6.00 2.09 11.90
CA LEU A 194 6.45 3.29 12.57
C LEU A 194 7.44 2.93 13.67
N GLY A 195 7.17 1.83 14.37
CA GLY A 195 8.06 1.35 15.42
C GLY A 195 9.41 0.92 14.88
N VAL A 196 9.42 0.44 13.64
CA VAL A 196 10.66 0.02 12.98
C VAL A 196 11.50 1.23 12.62
N TYR A 197 10.89 2.20 11.95
CA TYR A 197 11.58 3.42 11.57
C TYR A 197 12.14 4.15 12.79
N LEU A 198 11.52 3.93 13.94
CA LEU A 198 11.99 4.50 15.19
C LEU A 198 13.37 3.95 15.54
N ARG A 199 13.57 2.66 15.28
CA ARG A 199 14.85 2.01 15.58
C ARG A 199 15.87 2.31 14.49
N ILE A 200 15.40 2.47 13.26
CA ILE A 200 16.28 2.76 12.13
C ILE A 200 17.04 4.06 12.34
N PHE A 201 16.33 5.18 12.35
CA PHE A 201 16.97 6.48 12.48
C PHE A 201 17.62 6.67 13.85
N ALA A 202 17.17 5.92 14.84
CA ALA A 202 17.75 5.99 16.18
C ALA A 202 19.14 5.35 16.19
N ALA A 203 19.28 4.26 15.44
CA ALA A 203 20.56 3.56 15.33
C ALA A 203 21.45 4.22 14.28
N ALA A 204 20.83 4.69 13.21
CA ALA A 204 21.56 5.33 12.12
C ALA A 204 22.34 6.54 12.61
N ARG A 205 21.74 7.28 13.54
CA ARG A 205 22.40 8.46 14.11
C ARG A 205 23.44 8.05 15.15
N ARG A 206 23.33 6.81 15.64
CA ARG A 206 24.33 6.26 16.54
C ARG A 206 25.54 5.78 15.76
N GLN A 207 25.30 5.28 14.55
CA GLN A 207 26.37 4.85 13.66
C GLN A 207 27.26 6.05 13.33
N LEU A 208 26.63 7.19 13.09
CA LEU A 208 27.35 8.42 12.77
C LEU A 208 28.13 8.94 13.97
N LYS A 209 27.66 8.60 15.17
CA LYS A 209 28.32 9.03 16.39
C LYS A 209 29.53 8.15 16.71
N GLN A 210 29.44 6.88 16.34
CA GLN A 210 30.56 5.97 16.52
C GLN A 210 31.65 6.26 15.48
N MET A 211 31.22 6.64 14.29
CA MET A 211 32.14 7.03 13.22
C MET A 211 32.67 8.43 13.49
N GLU A 212 32.35 8.96 14.67
CA GLU A 212 32.79 10.29 15.07
C GLU A 212 34.02 10.19 15.96
N SER A 213 34.26 8.99 16.48
CA SER A 213 35.41 8.75 17.35
C SER A 213 36.38 7.75 16.73
N GLN A 214 36.51 7.79 15.42
CA GLN A 214 37.39 6.88 14.71
C GLN A 214 38.69 7.57 14.29
N PRO A 215 39.83 6.90 14.51
CA PRO A 215 41.16 7.42 14.21
C PRO A 215 41.40 7.61 12.71
N LEU A 216 40.44 7.20 11.89
CA LEU A 216 40.57 7.32 10.44
C LEU A 216 39.34 7.95 9.80
N PRO A 217 39.54 8.61 8.64
CA PRO A 217 38.44 9.26 7.90
C PRO A 217 37.32 8.27 7.59
N GLY A 218 37.58 7.34 6.68
CA GLY A 218 36.61 6.33 6.32
C GLY A 218 35.27 6.92 5.90
N GLU A 219 35.30 7.84 4.94
CA GLU A 219 34.08 8.47 4.45
C GLU A 219 33.27 7.51 3.57
N ARG A 220 33.85 6.35 3.28
CA ARG A 220 33.15 5.33 2.51
C ARG A 220 32.00 4.75 3.32
N ALA A 221 32.27 4.44 4.59
CA ALA A 221 31.24 3.91 5.46
C ALA A 221 30.20 4.97 5.79
N ARG A 222 30.62 6.24 5.76
CA ARG A 222 29.72 7.35 6.01
C ARG A 222 28.81 7.60 4.80
N SER A 223 29.43 7.74 3.63
CA SER A 223 28.68 7.98 2.39
C SER A 223 27.69 6.85 2.14
N THR A 224 28.10 5.62 2.44
CA THR A 224 27.23 4.46 2.28
C THR A 224 26.10 4.50 3.32
N LEU A 225 26.44 4.91 4.54
CA LEU A 225 25.47 5.01 5.61
C LEU A 225 24.40 6.05 5.29
N GLN A 226 24.84 7.20 4.76
CA GLN A 226 23.92 8.28 4.41
C GLN A 226 23.09 7.94 3.18
N LYS A 227 23.54 6.96 2.41
CA LYS A 227 22.79 6.50 1.24
C LYS A 227 21.84 5.38 1.62
N GLU A 228 22.11 4.72 2.74
CA GLU A 228 21.22 3.70 3.27
C GLU A 228 20.10 4.37 4.06
N VAL A 229 20.42 5.48 4.70
CA VAL A 229 19.44 6.27 5.44
C VAL A 229 18.55 7.03 4.45
N HIS A 230 19.15 7.53 3.38
CA HIS A 230 18.40 8.24 2.35
C HIS A 230 17.41 7.31 1.65
N ALA A 231 17.64 6.01 1.76
CA ALA A 231 16.75 5.03 1.19
C ALA A 231 15.73 4.56 2.23
N ALA A 232 16.15 4.54 3.48
CA ALA A 232 15.26 4.17 4.57
C ALA A 232 14.25 5.29 4.85
N LYS A 233 14.68 6.53 4.61
CA LYS A 233 13.81 7.68 4.78
C LYS A 233 12.80 7.76 3.63
N SER A 234 13.28 7.52 2.41
CA SER A 234 12.40 7.50 1.25
C SER A 234 11.34 6.43 1.43
N ALA A 235 11.72 5.32 2.05
CA ALA A 235 10.80 4.24 2.35
C ALA A 235 9.80 4.66 3.43
N ALA A 236 10.25 5.53 4.33
CA ALA A 236 9.39 6.04 5.39
C ALA A 236 8.33 6.98 4.82
N ILE A 237 8.70 7.74 3.80
CA ILE A 237 7.76 8.68 3.19
C ILE A 237 6.71 7.95 2.37
N ILE A 238 7.11 6.83 1.75
CA ILE A 238 6.18 6.00 1.01
C ILE A 238 5.17 5.37 1.96
N ALA A 239 5.66 4.82 3.07
CA ALA A 239 4.81 4.20 4.07
C ALA A 239 3.91 5.23 4.74
N GLY A 240 4.48 6.40 5.04
CA GLY A 240 3.75 7.46 5.69
C GLY A 240 2.55 7.92 4.90
N LEU A 241 2.70 8.00 3.58
CA LEU A 241 1.62 8.44 2.70
C LEU A 241 0.49 7.44 2.64
N PHE A 242 0.77 6.18 2.97
CA PHE A 242 -0.27 5.16 2.98
C PHE A 242 -1.29 5.44 4.10
N ALA A 243 -0.81 5.56 5.33
CA ALA A 243 -1.66 5.85 6.47
C ALA A 243 -2.33 7.20 6.29
N LEU A 244 -1.62 8.14 5.67
CA LEU A 244 -2.15 9.48 5.46
C LEU A 244 -3.29 9.48 4.44
N CYS A 245 -3.40 8.40 3.67
CA CYS A 245 -4.40 8.32 2.62
C CYS A 245 -5.46 7.25 2.87
N TRP A 246 -5.36 6.56 4.01
CA TRP A 246 -6.33 5.52 4.35
C TRP A 246 -6.98 5.76 5.71
N LEU A 247 -6.28 6.47 6.60
CA LEU A 247 -6.83 6.80 7.90
C LEU A 247 -8.18 7.52 7.80
N PRO A 248 -8.27 8.55 6.95
CA PRO A 248 -9.54 9.27 6.80
C PRO A 248 -10.71 8.31 6.56
N LEU A 249 -10.52 7.37 5.66
CA LEU A 249 -11.58 6.41 5.34
C LEU A 249 -11.92 5.54 6.55
N HIS A 250 -10.89 5.07 7.25
CA HIS A 250 -11.08 4.21 8.41
C HIS A 250 -11.64 5.00 9.59
N ILE A 251 -11.09 6.20 9.82
CA ILE A 251 -11.57 7.07 10.87
C ILE A 251 -13.07 7.31 10.72
N ILE A 252 -13.51 7.52 9.48
CA ILE A 252 -14.92 7.70 9.18
C ILE A 252 -15.73 6.48 9.59
N ASN A 253 -15.17 5.30 9.37
CA ASN A 253 -15.86 4.06 9.70
C ASN A 253 -15.83 3.73 11.18
N CYS A 254 -14.92 4.37 11.91
CA CYS A 254 -14.85 4.23 13.35
C CYS A 254 -15.94 5.09 14.02
N PHE A 255 -16.23 6.23 13.41
CA PHE A 255 -17.29 7.12 13.90
C PHE A 255 -18.67 6.48 13.71
N THR A 256 -18.91 5.94 12.52
CA THR A 256 -20.19 5.34 12.20
C THR A 256 -20.46 4.10 13.05
N PHE A 257 -19.43 3.29 13.25
CA PHE A 257 -19.58 2.05 14.01
C PHE A 257 -19.65 2.31 15.52
N PHE A 258 -18.54 2.71 16.10
CA PHE A 258 -18.45 2.90 17.55
C PHE A 258 -19.49 3.89 18.08
N CYS A 259 -19.89 4.85 17.23
CA CYS A 259 -20.88 5.84 17.64
C CYS A 259 -22.04 5.91 16.66
N PRO A 260 -23.01 5.00 16.81
CA PRO A 260 -24.21 4.97 15.96
C PRO A 260 -24.94 6.30 16.00
N ASP A 261 -24.81 7.02 17.11
CA ASP A 261 -25.43 8.33 17.25
C ASP A 261 -24.76 9.36 16.35
N CYS A 262 -23.44 9.35 16.33
CA CYS A 262 -22.66 10.29 15.52
C CYS A 262 -23.18 10.31 14.09
N SER A 263 -23.62 11.50 13.65
CA SER A 263 -24.20 11.65 12.33
C SER A 263 -23.39 10.91 11.27
N HIS A 264 -23.97 9.84 10.73
CA HIS A 264 -23.31 9.03 9.72
C HIS A 264 -22.71 9.91 8.64
N ALA A 265 -21.39 9.79 8.44
CA ALA A 265 -20.67 10.62 7.49
C ALA A 265 -21.42 10.81 6.18
N PRO A 266 -21.51 12.06 5.71
CA PRO A 266 -22.19 12.40 4.45
C PRO A 266 -21.57 11.68 3.27
N LEU A 267 -22.28 11.61 2.16
CA LEU A 267 -21.77 10.95 0.96
C LEU A 267 -20.72 11.79 0.24
N TRP A 268 -20.93 13.11 0.23
CA TRP A 268 -20.01 14.02 -0.43
C TRP A 268 -18.65 14.03 0.27
N LEU A 269 -18.65 13.63 1.54
CA LEU A 269 -17.41 13.55 2.31
C LEU A 269 -16.93 12.09 2.35
N MET A 270 -17.86 11.17 2.11
CA MET A 270 -17.55 9.75 2.12
C MET A 270 -16.70 9.35 0.92
N TYR A 271 -17.06 9.83 -0.26
CA TYR A 271 -16.31 9.51 -1.47
C TYR A 271 -14.95 10.19 -1.47
N LEU A 272 -14.85 11.32 -0.80
CA LEU A 272 -13.57 12.04 -0.72
C LEU A 272 -12.56 11.19 0.03
N ALA A 273 -13.03 10.47 1.04
CA ALA A 273 -12.18 9.56 1.80
C ALA A 273 -11.88 8.32 0.97
N ILE A 274 -12.71 8.08 -0.04
CA ILE A 274 -12.52 6.96 -0.95
C ILE A 274 -11.57 7.33 -2.08
N VAL A 275 -11.77 8.52 -2.63
CA VAL A 275 -10.88 9.04 -3.66
C VAL A 275 -9.47 9.19 -3.11
N LEU A 276 -9.38 9.62 -1.86
CA LEU A 276 -8.09 9.81 -1.20
C LEU A 276 -7.35 8.48 -1.08
N ALA A 277 -8.10 7.39 -0.94
CA ALA A 277 -7.52 6.07 -0.79
C ALA A 277 -7.03 5.51 -2.12
N HIS A 278 -7.64 5.97 -3.22
CA HIS A 278 -7.23 5.55 -4.56
C HIS A 278 -6.07 6.40 -5.06
N THR A 279 -5.90 7.56 -4.44
CA THR A 279 -4.82 8.47 -4.81
C THR A 279 -3.47 7.95 -4.32
N ASN A 280 -3.51 7.17 -3.24
CA ASN A 280 -2.31 6.60 -2.66
C ASN A 280 -1.53 5.73 -3.64
N SER A 281 -2.23 5.19 -4.62
CA SER A 281 -1.61 4.31 -5.61
C SER A 281 -0.79 5.09 -6.63
N VAL A 282 -0.92 6.42 -6.61
CA VAL A 282 -0.27 7.27 -7.60
C VAL A 282 0.96 7.99 -7.03
N VAL A 283 1.01 8.14 -5.72
CA VAL A 283 2.10 8.86 -5.08
C VAL A 283 3.42 8.12 -5.18
N ASN A 284 3.35 6.79 -5.19
CA ASN A 284 4.56 5.96 -5.22
C ASN A 284 5.47 6.24 -6.41
N PRO A 285 4.93 6.21 -7.64
CA PRO A 285 5.76 6.49 -8.81
C PRO A 285 6.43 7.86 -8.72
N PHE A 286 5.64 8.90 -8.44
CA PHE A 286 6.16 10.26 -8.38
C PHE A 286 7.09 10.46 -7.18
N ILE A 287 6.93 9.65 -6.15
CA ILE A 287 7.76 9.76 -4.95
C ILE A 287 9.12 9.11 -5.17
N TYR A 288 9.24 8.33 -6.23
CA TYR A 288 10.53 7.73 -6.60
C TYR A 288 11.31 8.69 -7.50
N ALA A 289 10.63 9.22 -8.50
CA ALA A 289 11.25 10.14 -9.45
C ALA A 289 11.77 11.40 -8.77
N TYR A 290 11.35 11.61 -7.52
CA TYR A 290 11.80 12.78 -6.77
C TYR A 290 12.88 12.41 -5.76
N ARG A 291 12.60 11.43 -4.91
CA ARG A 291 13.53 11.02 -3.87
C ARG A 291 14.78 10.36 -4.43
N ILE A 292 14.59 9.35 -5.27
CA ILE A 292 15.72 8.61 -5.83
C ILE A 292 16.18 9.20 -7.16
N ARG A 293 17.40 9.72 -7.18
CA ARG A 293 17.97 10.33 -8.36
C ARG A 293 18.24 9.30 -9.45
N GLU A 294 18.35 8.05 -9.05
CA GLU A 294 18.62 6.96 -10.00
C GLU A 294 17.39 6.65 -10.85
N PHE A 295 16.21 6.81 -10.26
CA PHE A 295 14.96 6.54 -10.96
C PHE A 295 14.62 7.61 -11.99
N ARG A 296 14.62 8.87 -11.56
CA ARG A 296 14.23 9.98 -12.44
C ARG A 296 15.05 10.01 -13.72
N GLN A 297 16.32 9.66 -13.63
CA GLN A 297 17.20 9.63 -14.80
C GLN A 297 16.86 8.46 -15.72
N THR A 298 16.42 7.35 -15.11
CA THR A 298 16.01 6.18 -15.88
C THR A 298 14.74 6.48 -16.66
N PHE A 299 13.75 7.07 -15.99
CA PHE A 299 12.50 7.45 -16.65
C PHE A 299 12.77 8.47 -17.76
N ARG A 300 13.55 9.48 -17.43
CA ARG A 300 13.90 10.56 -18.36
C ARG A 300 14.42 10.00 -19.68
N LYS A 301 15.09 8.87 -19.61
CA LYS A 301 15.64 8.21 -20.80
C LYS A 301 14.55 7.45 -21.55
N ILE A 302 13.72 6.72 -20.82
CA ILE A 302 12.63 5.95 -21.42
C ILE A 302 11.71 6.85 -22.26
N ILE A 303 11.29 7.96 -21.66
CA ILE A 303 10.38 8.89 -22.32
C ILE A 303 10.95 9.41 -23.63
N ARG A 304 12.14 10.00 -23.57
CA ARG A 304 12.78 10.56 -24.75
C ARG A 304 12.92 9.51 -25.85
N SER A 305 13.46 8.35 -25.51
CA SER A 305 13.66 7.28 -26.48
C SER A 305 12.53 6.26 -26.42
C1 XAC B . -16.47 1.70 3.26
N1 XAC B . -15.72 0.51 0.81
O1 XAC B . -16.84 2.26 4.30
C2 XAC B . -15.17 0.08 2.00
N2 XAC B . -15.53 0.71 3.18
O2 XAC B . -14.34 -0.84 1.99
C3 XAC B . -18.13 3.11 0.37
N3 XAC B . -17.37 2.17 -0.24
O3 XAC B . -21.42 6.90 -2.33
C4 XAC B . -16.68 1.56 0.81
N4 XAC B . -17.94 3.10 1.71
O4 XAC B . -23.29 8.40 -4.08
C5 XAC B . -17.03 2.10 1.98
N5 XAC B . -21.30 9.38 -4.54
C6 XAC B . -14.83 0.33 4.42
N6 XAC B . -21.12 12.90 -5.77
C7 XAC B . -13.58 1.21 4.65
C8 XAC B . -15.32 -0.05 -0.48
C9 XAC B . -16.29 -1.14 -0.97
C10 XAC B . -15.98 -1.62 -2.39
C11 XAC B . -12.75 0.75 5.85
C12 XAC B . -20.63 5.92 -1.74
C13 XAC B . -19.88 4.96 -2.45
C14 XAC B . -19.07 4.03 -1.76
C15 XAC B . -19.01 4.05 -0.35
C16 XAC B . -19.78 4.99 0.36
C17 XAC B . -20.58 5.92 -0.33
C18 XAC B . -21.32 7.06 -3.74
C19 XAC B . -22.05 8.35 -4.14
C20 XAC B . -21.80 10.68 -4.98
C21 XAC B . -20.63 11.60 -5.34
#